data_7XPI
#
_entry.id   7XPI
#
_cell.length_a   113.376
_cell.length_b   113.376
_cell.length_c   125.892
_cell.angle_alpha   90.000
_cell.angle_beta   90.000
_cell.angle_gamma   120.000
#
_symmetry.space_group_name_H-M   'P 65 2 2'
#
loop_
_entity.id
_entity.type
_entity.pdbx_description
1 polymer 'Apoptosis inducing factor mitochondria associated 2'
2 non-polymer 'FLAVIN-ADENINE DINUCLEOTIDE'
3 water water
#
_entity_poly.entity_id   1
_entity_poly.type   'polypeptide(L)'
_entity_poly.pdbx_seq_one_letter_code
;MRVVIVGGGFGGIAAASQLKSWAVPFVLVDMRDAFHHNVAALRASVESGFARKTFISYSVTFGDSFRQGKVVGIDPERQQ
VLLSDGEELHYSHLILATGSDGPFPGKFNKVIDMESAIQTYEDMVKEIEKSERILVVGGGAAGVEMAAEIKTEYPAKEVT
LIHSKIALADVELLQSVRQEVKEILLRKGVRLLLSEKVSNVENLTTNQFQKDMVVRTEKGTEVVVDMVVLCTGIKINSSA
YATAFGDKLASNGALNVNKHLQLEGYDNIYAIGDCANLKEPKMAYHAELHANIVVSNIINSLTHKPLKTYQPGSLTFLLS
MGKNDGVGQVKGYYVGHLLVTIAKSRDLFVSKSWKTMGQPMPSLEHHHHHH
;
_entity_poly.pdbx_strand_id   A
#
loop_
_chem_comp.id
_chem_comp.type
_chem_comp.name
_chem_comp.formula
FAD non-polymer 'FLAVIN-ADENINE DINUCLEOTIDE' 'C27 H33 N9 O15 P2'
#
# COMPACT_ATOMS: atom_id res chain seq x y z
N MET A 1 26.60 13.55 8.49
CA MET A 1 25.74 13.13 7.39
C MET A 1 24.48 12.46 7.95
N ARG A 2 23.38 12.50 7.20
CA ARG A 2 22.13 11.90 7.68
C ARG A 2 21.27 11.57 6.47
N VAL A 3 20.88 10.31 6.34
CA VAL A 3 19.88 9.94 5.36
C VAL A 3 18.53 10.13 6.04
N VAL A 4 17.66 10.94 5.44
CA VAL A 4 16.28 11.03 5.92
C VAL A 4 15.40 10.25 4.97
N ILE A 5 14.58 9.37 5.53
CA ILE A 5 13.62 8.56 4.79
C ILE A 5 12.22 9.06 5.15
N VAL A 6 11.48 9.52 4.16
CA VAL A 6 10.11 9.97 4.37
C VAL A 6 9.20 8.83 3.95
N GLY A 7 8.57 8.18 4.92
CA GLY A 7 7.66 7.07 4.64
C GLY A 7 8.20 5.76 5.15
N GLY A 8 7.55 5.20 6.17
CA GLY A 8 7.97 3.94 6.72
C GLY A 8 7.11 2.80 6.23
N GLY A 9 6.94 2.69 4.91
CA GLY A 9 6.24 1.57 4.31
C GLY A 9 7.19 0.43 4.03
N PHE A 10 6.79 -0.44 3.08
CA PHE A 10 7.65 -1.56 2.69
C PHE A 10 9.01 -1.07 2.21
N GLY A 11 9.02 -0.05 1.35
CA GLY A 11 10.28 0.50 0.90
C GLY A 11 11.07 1.13 2.03
N GLY A 12 10.40 1.99 2.82
CA GLY A 12 11.11 2.73 3.85
C GLY A 12 11.72 1.86 4.91
N ILE A 13 10.98 0.84 5.38
CA ILE A 13 11.57 0.00 6.42
C ILE A 13 12.68 -0.86 5.84
N ALA A 14 12.59 -1.25 4.56
CA ALA A 14 13.70 -1.98 3.94
C ALA A 14 14.93 -1.08 3.86
N ALA A 15 14.75 0.17 3.47
CA ALA A 15 15.89 1.09 3.36
C ALA A 15 16.48 1.37 4.73
N ALA A 16 15.63 1.56 5.73
CA ALA A 16 16.11 1.86 7.08
C ALA A 16 16.84 0.67 7.67
N SER A 17 16.28 -0.52 7.50
CA SER A 17 16.92 -1.74 8.00
C SER A 17 18.30 -1.91 7.41
N GLN A 18 18.41 -1.65 6.10
CA GLN A 18 19.68 -1.84 5.43
C GLN A 18 20.68 -0.76 5.83
N LEU A 19 20.22 0.50 5.94
CA LEU A 19 21.12 1.56 6.39
C LEU A 19 21.63 1.29 7.80
N LYS A 20 20.78 0.72 8.65
CA LYS A 20 21.23 0.34 9.98
C LYS A 20 22.27 -0.77 9.91
N SER A 21 22.04 -1.78 9.06
CA SER A 21 23.02 -2.85 8.86
C SER A 21 24.35 -2.32 8.35
N TRP A 22 24.31 -1.28 7.53
CA TRP A 22 25.54 -0.64 7.02
C TRP A 22 26.09 0.42 7.95
N ALA A 23 25.40 0.69 9.07
CA ALA A 23 25.79 1.70 10.03
C ALA A 23 25.85 3.09 9.40
N VAL A 24 24.97 3.36 8.45
CA VAL A 24 24.83 4.72 7.92
C VAL A 24 23.83 5.46 8.80
N PRO A 25 24.17 6.65 9.29
CA PRO A 25 23.22 7.41 10.12
C PRO A 25 22.00 7.80 9.32
N PHE A 26 20.82 7.65 9.93
CA PHE A 26 19.58 7.92 9.22
C PHE A 26 18.50 8.27 10.22
N VAL A 27 17.46 8.93 9.73
CA VAL A 27 16.22 9.11 10.46
C VAL A 27 15.07 8.71 9.54
N LEU A 28 14.26 7.75 9.99
CA LEU A 28 13.04 7.37 9.28
C LEU A 28 11.86 8.17 9.84
N VAL A 29 11.10 8.78 8.94
CA VAL A 29 9.95 9.61 9.32
C VAL A 29 8.68 8.95 8.78
N ASP A 30 7.68 8.83 9.65
CA ASP A 30 6.35 8.42 9.23
C ASP A 30 5.33 9.11 10.12
N MET A 31 4.17 9.42 9.53
CA MET A 31 3.00 9.91 10.28
C MET A 31 2.63 9.00 11.44
N ARG A 32 2.60 7.69 11.21
CA ARG A 32 2.18 6.76 12.23
C ARG A 32 3.38 6.42 13.10
N ASP A 33 3.11 5.91 14.29
CA ASP A 33 4.20 5.39 15.08
C ASP A 33 4.40 3.89 14.87
N ALA A 34 3.71 3.30 13.89
CA ALA A 34 3.83 1.88 13.62
C ALA A 34 3.76 1.65 12.13
N PHE A 35 4.55 0.68 11.66
CA PHE A 35 4.48 0.25 10.27
C PHE A 35 3.15 -0.43 10.03
N HIS A 36 2.56 -0.19 8.86
CA HIS A 36 1.27 -0.80 8.50
C HIS A 36 1.49 -1.77 7.36
N HIS A 37 1.23 -3.06 7.63
CA HIS A 37 1.26 -4.10 6.60
C HIS A 37 -0.03 -3.96 5.81
N ASN A 38 -0.05 -2.96 4.92
CA ASN A 38 -1.30 -2.49 4.36
C ASN A 38 -1.95 -3.52 3.45
N VAL A 39 -1.15 -4.43 2.89
CA VAL A 39 -1.68 -5.52 2.06
C VAL A 39 -2.73 -6.32 2.82
N ALA A 40 -2.60 -6.45 4.14
CA ALA A 40 -3.53 -7.26 4.90
C ALA A 40 -4.60 -6.42 5.60
N ALA A 41 -4.80 -5.18 5.17
CA ALA A 41 -5.70 -4.29 5.90
C ALA A 41 -7.16 -4.70 5.73
N LEU A 42 -7.50 -5.30 4.59
CA LEU A 42 -8.90 -5.65 4.39
C LEU A 42 -9.24 -6.86 5.25
N ARG A 43 -8.36 -7.87 5.27
CA ARG A 43 -8.52 -8.97 6.21
C ARG A 43 -8.60 -8.47 7.65
N ALA A 44 -7.75 -7.49 8.01
CA ALA A 44 -7.78 -6.95 9.37
C ALA A 44 -9.09 -6.26 9.70
N SER A 45 -9.83 -5.79 8.71
CA SER A 45 -11.08 -5.11 8.99
C SER A 45 -12.25 -6.08 9.09
N VAL A 46 -12.00 -7.37 8.87
CA VAL A 46 -13.00 -8.40 8.82
C VAL A 46 -12.81 -9.45 9.94
N GLU A 47 -11.56 -9.89 10.09
CA GLU A 47 -11.28 -11.05 10.94
C GLU A 47 -10.83 -10.59 12.31
N SER A 48 -11.62 -10.92 13.32
CA SER A 48 -11.35 -10.51 14.69
C SER A 48 -9.96 -10.96 15.11
N GLY A 49 -9.27 -10.09 15.85
CA GLY A 49 -7.94 -10.40 16.34
C GLY A 49 -6.82 -10.25 15.33
N PHE A 50 -7.11 -10.00 14.06
CA PHE A 50 -6.06 -10.00 13.03
C PHE A 50 -5.31 -8.68 12.90
N ALA A 51 -5.96 -7.56 13.23
CA ALA A 51 -5.35 -6.25 13.08
C ALA A 51 -4.07 -6.11 13.90
N ARG A 52 -4.00 -6.77 15.06
CA ARG A 52 -2.80 -6.69 15.88
C ARG A 52 -1.55 -7.20 15.15
N LYS A 53 -1.72 -8.06 14.15
CA LYS A 53 -0.59 -8.54 13.37
C LYS A 53 -0.18 -7.59 12.25
N THR A 54 -0.93 -6.51 12.00
CA THR A 54 -0.68 -5.66 10.86
C THR A 54 -0.07 -4.31 11.21
N PHE A 55 0.23 -4.05 12.48
CA PHE A 55 0.95 -2.85 12.89
C PHE A 55 2.14 -3.25 13.74
N ILE A 56 3.30 -2.63 13.46
CA ILE A 56 4.57 -2.97 14.08
C ILE A 56 5.25 -1.68 14.52
N SER A 57 5.55 -1.57 15.81
CA SER A 57 6.09 -0.32 16.35
C SER A 57 7.43 0.03 15.69
N TYR A 58 7.54 1.27 15.19
CA TYR A 58 8.80 1.72 14.60
C TYR A 58 9.89 1.83 15.66
N SER A 59 9.55 2.46 16.80
CA SER A 59 10.58 2.77 17.79
C SER A 59 11.19 1.51 18.40
N VAL A 60 10.39 0.44 18.56
CA VAL A 60 10.94 -0.79 19.10
C VAL A 60 12.06 -1.32 18.22
N THR A 61 11.95 -1.13 16.91
CA THR A 61 12.96 -1.58 15.97
C THR A 61 14.07 -0.56 15.78
N PHE A 62 13.72 0.72 15.67
CA PHE A 62 14.67 1.74 15.23
C PHE A 62 15.08 2.75 16.29
N GLY A 63 14.45 2.71 17.47
CA GLY A 63 14.78 3.66 18.54
C GLY A 63 14.84 5.11 18.05
N ASP A 64 15.92 5.81 18.42
CA ASP A 64 16.13 7.22 18.07
C ASP A 64 16.32 7.45 16.57
N SER A 65 16.48 6.41 15.77
CA SER A 65 16.52 6.62 14.33
C SER A 65 15.13 6.69 13.71
N PHE A 66 14.07 6.59 14.51
CA PHE A 66 12.72 6.86 14.04
C PHE A 66 12.19 8.16 14.63
N ARG A 67 11.47 8.92 13.81
CA ARG A 67 10.83 10.15 14.25
C ARG A 67 9.42 10.21 13.67
N GLN A 68 8.40 10.23 14.53
CA GLN A 68 7.04 10.38 14.04
C GLN A 68 6.78 11.82 13.60
N GLY A 69 6.16 11.97 12.44
CA GLY A 69 5.75 13.30 12.03
C GLY A 69 5.16 13.26 10.64
N LYS A 70 4.46 14.33 10.31
CA LYS A 70 3.81 14.46 9.02
C LYS A 70 4.58 15.50 8.24
N VAL A 71 5.21 15.06 7.15
CA VAL A 71 6.02 15.95 6.33
C VAL A 71 5.09 16.80 5.49
N VAL A 72 5.21 18.12 5.63
CA VAL A 72 4.43 19.05 4.82
C VAL A 72 5.28 19.79 3.83
N GLY A 73 6.60 19.58 3.80
CA GLY A 73 7.42 20.19 2.77
C GLY A 73 8.80 19.58 2.68
N ILE A 74 9.38 19.64 1.49
CA ILE A 74 10.78 19.32 1.27
C ILE A 74 11.44 20.53 0.61
N ASP A 75 12.57 20.95 1.17
CA ASP A 75 13.37 22.00 0.56
C ASP A 75 14.64 21.36 0.03
N PRO A 76 14.73 21.08 -1.27
CA PRO A 76 15.89 20.37 -1.80
C PRO A 76 17.15 21.21 -1.93
N GLU A 77 17.04 22.52 -1.76
CA GLU A 77 18.20 23.40 -1.88
C GLU A 77 18.91 23.57 -0.54
N ARG A 78 18.16 23.83 0.53
CA ARG A 78 18.72 23.82 1.86
C ARG A 78 18.77 22.41 2.46
N GLN A 79 18.18 21.41 1.79
CA GLN A 79 18.20 20.03 2.25
C GLN A 79 17.52 19.87 3.62
N GLN A 80 16.24 20.29 3.67
CA GLN A 80 15.41 20.22 4.87
C GLN A 80 14.13 19.46 4.60
N VAL A 81 13.74 18.62 5.56
CA VAL A 81 12.42 18.00 5.60
C VAL A 81 11.60 18.75 6.64
N LEU A 82 10.44 19.28 6.23
CA LEU A 82 9.66 20.18 7.08
C LEU A 82 8.41 19.47 7.59
N LEU A 83 8.23 19.47 8.91
CA LEU A 83 7.15 18.77 9.59
C LEU A 83 6.00 19.71 9.97
N SER A 84 4.81 19.12 10.13
CA SER A 84 3.61 19.87 10.46
C SER A 84 3.65 20.45 11.87
N ASP A 85 4.59 20.05 12.72
CA ASP A 85 4.73 20.68 14.03
C ASP A 85 5.76 21.81 14.04
N GLY A 86 6.22 22.27 12.87
CA GLY A 86 7.18 23.35 12.78
C GLY A 86 8.64 22.94 12.79
N GLU A 87 8.95 21.71 13.17
CA GLU A 87 10.34 21.27 13.18
C GLU A 87 10.82 21.01 11.76
N GLU A 88 12.14 21.07 11.59
CA GLU A 88 12.81 20.80 10.33
C GLU A 88 13.94 19.81 10.58
N LEU A 89 14.15 18.89 9.65
CA LEU A 89 15.23 17.91 9.74
C LEU A 89 16.13 18.08 8.54
N HIS A 90 17.41 18.39 8.78
CA HIS A 90 18.37 18.48 7.70
C HIS A 90 18.76 17.08 7.23
N TYR A 91 19.12 16.97 5.96
CA TYR A 91 19.59 15.70 5.42
C TYR A 91 20.79 15.95 4.52
N SER A 92 21.64 14.93 4.40
CA SER A 92 22.61 14.89 3.32
C SER A 92 22.12 14.06 2.15
N HIS A 93 21.21 13.10 2.42
CA HIS A 93 20.60 12.23 1.44
C HIS A 93 19.14 12.03 1.84
N LEU A 94 18.25 12.08 0.86
CA LEU A 94 16.82 12.01 1.10
C LEU A 94 16.23 10.88 0.28
N ILE A 95 15.52 9.97 0.94
CA ILE A 95 14.79 8.89 0.28
C ILE A 95 13.30 9.17 0.43
N LEU A 96 12.62 9.38 -0.70
CA LEU A 96 11.17 9.53 -0.72
C LEU A 96 10.54 8.17 -0.99
N ALA A 97 9.75 7.70 -0.02
CA ALA A 97 9.13 6.38 -0.01
C ALA A 97 7.69 6.52 0.51
N THR A 98 6.94 7.44 -0.10
CA THR A 98 5.68 7.92 0.47
C THR A 98 4.47 7.07 0.08
N GLY A 99 4.65 6.13 -0.85
CA GLY A 99 3.58 5.18 -1.09
C GLY A 99 2.33 5.79 -1.73
N SER A 100 1.20 5.14 -1.46
CA SER A 100 -0.09 5.51 -2.02
C SER A 100 -1.07 5.70 -0.86
N ASP A 101 -2.08 6.53 -1.09
CA ASP A 101 -3.05 6.84 -0.04
C ASP A 101 -4.47 6.70 -0.59
N GLY A 102 -5.41 6.51 0.34
CA GLY A 102 -6.79 6.31 0.00
C GLY A 102 -7.63 6.14 1.24
N PRO A 103 -8.91 5.79 1.06
CA PRO A 103 -9.80 5.66 2.23
C PRO A 103 -9.49 4.43 3.08
N PHE A 104 -9.81 4.55 4.36
CA PHE A 104 -9.92 3.38 5.22
C PHE A 104 -11.06 2.50 4.69
N PRO A 105 -10.94 1.16 4.79
CA PRO A 105 -9.98 0.29 5.49
C PRO A 105 -8.70 0.00 4.67
N GLY A 106 -8.77 0.30 3.36
CA GLY A 106 -7.67 -0.08 2.47
C GLY A 106 -6.36 0.60 2.82
N LYS A 107 -6.41 1.87 3.22
CA LYS A 107 -5.22 2.60 3.63
C LYS A 107 -5.50 3.29 4.94
N PHE A 108 -4.45 3.45 5.76
CA PHE A 108 -4.57 4.10 7.06
C PHE A 108 -3.28 4.90 7.29
N ASN A 109 -3.16 6.03 6.60
CA ASN A 109 -1.98 6.89 6.69
C ASN A 109 -2.41 8.19 7.38
N LYS A 110 -2.23 8.24 8.69
CA LYS A 110 -2.53 9.43 9.46
C LYS A 110 -1.71 9.41 10.74
N VAL A 111 -1.69 10.55 11.42
CA VAL A 111 -0.93 10.69 12.65
C VAL A 111 -1.75 10.02 13.74
N ILE A 112 -1.32 8.83 14.15
CA ILE A 112 -2.08 8.03 15.11
C ILE A 112 -1.11 7.06 15.78
N ASP A 113 -1.48 6.61 16.97
CA ASP A 113 -0.67 5.67 17.72
C ASP A 113 -1.13 4.24 17.42
N MET A 114 -0.21 3.29 17.67
CA MET A 114 -0.44 1.90 17.29
C MET A 114 -1.72 1.33 17.92
N GLU A 115 -1.88 1.46 19.23
CA GLU A 115 -3.05 0.83 19.85
C GLU A 115 -4.35 1.43 19.31
N SER A 116 -4.38 2.74 19.07
CA SER A 116 -5.57 3.35 18.50
C SER A 116 -5.82 2.85 17.08
N ALA A 117 -4.75 2.63 16.30
CA ALA A 117 -4.94 2.15 14.94
C ALA A 117 -5.47 0.72 14.94
N ILE A 118 -4.92 -0.14 15.80
CA ILE A 118 -5.43 -1.49 15.92
C ILE A 118 -6.90 -1.45 16.33
N GLN A 119 -7.24 -0.57 17.27
CA GLN A 119 -8.62 -0.50 17.75
C GLN A 119 -9.58 0.01 16.67
N THR A 120 -9.09 0.89 15.78
CA THR A 120 -9.91 1.34 14.66
C THR A 120 -10.30 0.17 13.76
N TYR A 121 -9.36 -0.75 13.51
CA TYR A 121 -9.69 -1.91 12.69
C TYR A 121 -10.58 -2.90 13.44
N GLU A 122 -10.35 -3.06 14.75
CA GLU A 122 -11.20 -3.92 15.57
C GLU A 122 -12.63 -3.39 15.64
N ASP A 123 -12.81 -2.06 15.79
CA ASP A 123 -14.14 -1.48 15.70
C ASP A 123 -14.82 -1.85 14.40
N MET A 124 -14.08 -1.77 13.28
CA MET A 124 -14.63 -2.11 11.96
C MET A 124 -15.06 -3.57 11.94
N VAL A 125 -14.28 -4.45 12.57
CA VAL A 125 -14.62 -5.88 12.59
C VAL A 125 -16.02 -6.09 13.22
N LYS A 126 -16.34 -5.40 14.33
CA LYS A 126 -17.68 -5.50 14.97
C LYS A 126 -18.79 -4.88 14.10
N GLU A 127 -18.48 -3.80 13.37
CA GLU A 127 -19.50 -3.25 12.48
C GLU A 127 -19.82 -4.22 11.35
N ILE A 128 -18.80 -4.82 10.75
CA ILE A 128 -19.00 -5.87 9.75
C ILE A 128 -19.85 -6.99 10.34
N GLU A 129 -19.46 -7.47 11.53
CA GLU A 129 -20.16 -8.58 12.17
C GLU A 129 -21.65 -8.30 12.30
N LYS A 130 -22.00 -7.05 12.64
CA LYS A 130 -23.38 -6.65 12.90
C LYS A 130 -24.24 -6.60 11.64
N SER A 131 -23.64 -6.57 10.46
CA SER A 131 -24.32 -6.16 9.24
C SER A 131 -24.58 -7.38 8.37
N GLU A 132 -25.86 -7.62 8.05
CA GLU A 132 -26.20 -8.75 7.18
C GLU A 132 -25.97 -8.43 5.70
N ARG A 133 -26.22 -7.18 5.29
CA ARG A 133 -26.00 -6.76 3.91
C ARG A 133 -24.96 -5.66 3.87
N ILE A 134 -23.96 -5.80 2.99
CA ILE A 134 -22.84 -4.86 2.92
C ILE A 134 -22.56 -4.51 1.45
N LEU A 135 -22.51 -3.21 1.18
CA LEU A 135 -22.07 -2.71 -0.12
C LEU A 135 -20.60 -2.33 -0.05
N VAL A 136 -19.82 -2.74 -1.05
CA VAL A 136 -18.44 -2.29 -1.22
C VAL A 136 -18.42 -1.40 -2.45
N VAL A 137 -17.95 -0.16 -2.26
CA VAL A 137 -17.86 0.81 -3.37
C VAL A 137 -16.43 0.79 -3.90
N GLY A 138 -16.27 0.40 -5.16
CA GLY A 138 -14.96 0.29 -5.75
C GLY A 138 -14.59 -1.13 -6.13
N GLY A 139 -14.28 -1.32 -7.41
CA GLY A 139 -13.87 -2.60 -7.93
C GLY A 139 -12.39 -2.72 -8.22
N GLY A 140 -11.57 -1.79 -7.71
CA GLY A 140 -10.13 -1.92 -7.79
C GLY A 140 -9.64 -2.96 -6.81
N ALA A 141 -8.34 -2.95 -6.49
CA ALA A 141 -7.78 -4.05 -5.70
C ALA A 141 -8.37 -4.07 -4.30
N ALA A 142 -8.54 -2.91 -3.68
CA ALA A 142 -9.03 -2.89 -2.29
C ALA A 142 -10.48 -3.39 -2.21
N GLY A 143 -11.33 -2.97 -3.15
CA GLY A 143 -12.73 -3.37 -3.10
C GLY A 143 -12.90 -4.86 -3.34
N VAL A 144 -12.22 -5.39 -4.35
CA VAL A 144 -12.27 -6.83 -4.60
C VAL A 144 -11.82 -7.58 -3.36
N GLU A 145 -10.74 -7.11 -2.74
CA GLU A 145 -10.21 -7.78 -1.56
C GLU A 145 -11.21 -7.71 -0.40
N MET A 146 -11.87 -6.56 -0.23
CA MET A 146 -12.83 -6.43 0.86
C MET A 146 -14.01 -7.35 0.66
N ALA A 147 -14.58 -7.36 -0.56
CA ALA A 147 -15.67 -8.28 -0.87
C ALA A 147 -15.25 -9.72 -0.60
N ALA A 148 -14.07 -10.12 -1.07
CA ALA A 148 -13.61 -11.49 -0.89
C ALA A 148 -13.41 -11.83 0.59
N GLU A 149 -12.80 -10.92 1.36
CA GLU A 149 -12.53 -11.22 2.76
C GLU A 149 -13.81 -11.33 3.58
N ILE A 150 -14.83 -10.52 3.26
CA ILE A 150 -16.10 -10.63 3.98
C ILE A 150 -16.73 -11.99 3.73
N LYS A 151 -16.83 -12.38 2.44
CA LYS A 151 -17.44 -13.67 2.10
C LYS A 151 -16.60 -14.86 2.55
N THR A 152 -15.29 -14.67 2.76
CA THR A 152 -14.51 -15.76 3.33
C THR A 152 -14.87 -15.98 4.79
N GLU A 153 -14.91 -14.90 5.59
CA GLU A 153 -15.24 -15.04 7.00
C GLU A 153 -16.71 -15.39 7.19
N TYR A 154 -17.59 -14.75 6.40
CA TYR A 154 -19.04 -14.87 6.56
C TYR A 154 -19.66 -15.31 5.23
N PRO A 155 -19.60 -16.60 4.91
CA PRO A 155 -20.12 -17.06 3.61
C PRO A 155 -21.60 -16.79 3.42
N ALA A 156 -22.36 -16.54 4.48
CA ALA A 156 -23.78 -16.33 4.35
C ALA A 156 -24.19 -14.87 4.24
N LYS A 157 -23.25 -13.94 4.42
CA LYS A 157 -23.63 -12.53 4.29
C LYS A 157 -23.89 -12.18 2.84
N GLU A 158 -24.73 -11.18 2.63
CA GLU A 158 -25.01 -10.63 1.31
C GLU A 158 -24.03 -9.49 1.05
N VAL A 159 -23.11 -9.70 0.11
CA VAL A 159 -22.12 -8.69 -0.25
C VAL A 159 -22.36 -8.25 -1.68
N THR A 160 -22.50 -6.93 -1.87
CA THR A 160 -22.65 -6.33 -3.18
C THR A 160 -21.43 -5.44 -3.43
N LEU A 161 -20.84 -5.56 -4.61
CA LEU A 161 -19.71 -4.72 -5.01
C LEU A 161 -20.15 -3.88 -6.22
N ILE A 162 -20.01 -2.57 -6.10
CA ILE A 162 -20.34 -1.64 -7.17
C ILE A 162 -19.05 -1.07 -7.73
N HIS A 163 -19.00 -0.91 -9.07
CA HIS A 163 -17.78 -0.52 -9.77
C HIS A 163 -18.15 0.21 -11.04
N SER A 164 -17.43 1.28 -11.35
CA SER A 164 -17.79 2.17 -12.46
C SER A 164 -17.35 1.67 -13.82
N LYS A 165 -16.49 0.65 -13.89
CA LYS A 165 -15.99 0.17 -15.17
C LYS A 165 -16.80 -1.03 -15.64
N ILE A 166 -16.45 -1.51 -16.83
CA ILE A 166 -17.13 -2.66 -17.40
C ILE A 166 -16.63 -3.93 -16.73
N ALA A 167 -15.34 -3.94 -16.40
CA ALA A 167 -14.66 -5.09 -15.80
C ALA A 167 -13.96 -4.64 -14.51
N LEU A 168 -13.71 -5.60 -13.63
CA LEU A 168 -13.08 -5.33 -12.35
C LEU A 168 -11.57 -5.18 -12.51
N ALA A 169 -10.95 -4.61 -11.47
CA ALA A 169 -9.51 -4.57 -11.24
C ALA A 169 -8.76 -3.69 -12.23
N ASP A 170 -7.45 -3.58 -12.03
CA ASP A 170 -6.62 -2.62 -12.76
C ASP A 170 -6.58 -2.93 -14.26
N VAL A 171 -6.79 -1.89 -15.07
CA VAL A 171 -6.81 -2.02 -16.54
C VAL A 171 -5.51 -2.64 -17.04
N GLU A 172 -4.38 -2.33 -16.38
CA GLU A 172 -3.10 -2.89 -16.79
C GLU A 172 -3.02 -4.40 -16.59
N LEU A 173 -3.95 -5.01 -15.86
CA LEU A 173 -4.00 -6.46 -15.77
C LEU A 173 -4.57 -7.04 -17.07
N LEU A 174 -4.14 -8.24 -17.41
CA LEU A 174 -4.74 -8.94 -18.54
C LEU A 174 -6.24 -9.03 -18.34
N GLN A 175 -7.03 -8.85 -19.42
CA GLN A 175 -8.47 -9.05 -19.29
C GLN A 175 -8.75 -10.48 -18.87
N SER A 176 -7.97 -11.43 -19.39
CA SER A 176 -8.10 -12.79 -18.86
C SER A 176 -8.01 -12.79 -17.33
N VAL A 177 -7.18 -11.90 -16.77
CA VAL A 177 -7.07 -11.79 -15.32
C VAL A 177 -8.24 -11.02 -14.74
N ARG A 178 -8.63 -9.91 -15.38
CA ARG A 178 -9.78 -9.16 -14.90
C ARG A 178 -11.03 -10.04 -14.86
N GLN A 179 -11.28 -10.77 -15.94
CA GLN A 179 -12.42 -11.70 -15.94
C GLN A 179 -12.28 -12.76 -14.85
N GLU A 180 -11.07 -13.27 -14.63
CA GLU A 180 -10.89 -14.25 -13.56
C GLU A 180 -11.20 -13.65 -12.18
N VAL A 181 -10.91 -12.36 -11.99
CA VAL A 181 -11.25 -11.70 -10.73
C VAL A 181 -12.77 -11.70 -10.54
N LYS A 182 -13.50 -11.32 -11.60
CA LYS A 182 -14.96 -11.43 -11.61
C LYS A 182 -15.42 -12.83 -11.21
N GLU A 183 -14.80 -13.85 -11.80
CA GLU A 183 -15.24 -15.24 -11.56
C GLU A 183 -14.86 -15.71 -10.17
N ILE A 184 -13.75 -15.23 -9.62
CA ILE A 184 -13.41 -15.54 -8.23
C ILE A 184 -14.46 -14.97 -7.30
N LEU A 185 -14.93 -13.74 -7.56
CA LEU A 185 -15.92 -13.12 -6.69
C LEU A 185 -17.29 -13.80 -6.82
N LEU A 186 -17.71 -14.09 -8.06
CA LEU A 186 -18.97 -14.78 -8.28
C LEU A 186 -18.98 -16.16 -7.62
N ARG A 187 -17.85 -16.86 -7.66
CA ARG A 187 -17.79 -18.14 -6.96
C ARG A 187 -18.01 -17.97 -5.47
N LYS A 188 -17.50 -16.88 -4.89
CA LYS A 188 -17.75 -16.63 -3.47
C LYS A 188 -19.14 -16.08 -3.20
N GLY A 189 -19.91 -15.74 -4.24
CA GLY A 189 -21.28 -15.32 -4.06
C GLY A 189 -21.51 -13.83 -4.05
N VAL A 190 -20.47 -13.03 -4.33
CA VAL A 190 -20.61 -11.58 -4.33
C VAL A 190 -21.50 -11.14 -5.47
N ARG A 191 -22.43 -10.22 -5.21
CA ARG A 191 -23.25 -9.68 -6.27
C ARG A 191 -22.56 -8.46 -6.87
N LEU A 192 -22.41 -8.46 -8.19
CA LEU A 192 -21.67 -7.43 -8.89
C LEU A 192 -22.61 -6.42 -9.54
N LEU A 193 -22.27 -5.14 -9.42
CA LEU A 193 -22.98 -4.05 -10.07
C LEU A 193 -21.95 -3.25 -10.86
N LEU A 194 -21.60 -3.74 -12.04
CA LEU A 194 -20.59 -3.13 -12.90
C LEU A 194 -21.20 -2.02 -13.75
N SER A 195 -20.33 -1.12 -14.21
CA SER A 195 -20.72 0.03 -15.06
C SER A 195 -21.83 0.84 -14.38
N GLU A 196 -21.53 1.34 -13.19
CA GLU A 196 -22.59 1.60 -12.23
C GLU A 196 -21.97 2.46 -11.13
N LYS A 197 -22.35 3.73 -11.04
CA LYS A 197 -21.61 4.74 -10.30
C LYS A 197 -22.51 5.30 -9.21
N VAL A 198 -22.04 5.27 -7.97
CA VAL A 198 -22.85 5.72 -6.84
C VAL A 198 -23.09 7.22 -6.93
N SER A 199 -24.35 7.62 -6.79
CA SER A 199 -24.70 9.03 -6.81
C SER A 199 -24.66 9.59 -5.40
N ASN A 200 -24.26 10.85 -5.28
CA ASN A 200 -24.08 11.53 -4.00
C ASN A 200 -23.29 10.66 -3.02
N VAL A 201 -22.09 10.24 -3.44
CA VAL A 201 -21.31 9.34 -2.61
C VAL A 201 -20.93 9.98 -1.27
N GLU A 202 -20.76 11.29 -1.23
CA GLU A 202 -20.38 12.04 -0.02
C GLU A 202 -21.44 11.93 1.08
N ASN A 203 -22.69 11.59 0.75
CA ASN A 203 -23.73 11.53 1.77
C ASN A 203 -23.89 10.13 2.35
N LEU A 204 -23.07 9.18 1.93
CA LEU A 204 -23.18 7.83 2.45
C LEU A 204 -22.69 7.77 3.89
N THR A 205 -23.29 6.87 4.65
CA THR A 205 -22.84 6.54 6.00
C THR A 205 -21.94 5.32 5.90
N THR A 206 -20.64 5.51 6.16
CA THR A 206 -19.67 4.47 5.87
C THR A 206 -19.07 3.89 7.13
N ASN A 207 -18.62 2.64 7.01
CA ASN A 207 -17.88 1.95 8.06
C ASN A 207 -18.72 1.74 9.32
N GLN A 208 -20.05 1.69 9.17
CA GLN A 208 -20.97 1.70 10.31
C GLN A 208 -22.19 0.83 10.01
N PHE A 209 -22.59 0.01 10.98
CA PHE A 209 -23.86 -0.69 10.86
C PHE A 209 -25.02 0.30 10.93
N GLN A 210 -25.90 0.26 9.94
CA GLN A 210 -27.10 1.09 9.93
C GLN A 210 -28.14 0.40 9.07
N LYS A 211 -29.22 -0.09 9.71
CA LYS A 211 -30.22 -0.85 8.98
C LYS A 211 -30.86 -0.01 7.87
N ASP A 212 -31.07 -0.63 6.72
CA ASP A 212 -32.02 -0.17 5.71
C ASP A 212 -31.53 1.06 4.94
N MET A 213 -30.23 1.27 4.88
CA MET A 213 -29.70 2.34 4.06
C MET A 213 -29.99 2.08 2.60
N VAL A 214 -30.45 3.10 1.89
CA VAL A 214 -30.72 3.01 0.46
C VAL A 214 -29.59 3.71 -0.28
N VAL A 215 -28.95 2.99 -1.20
CA VAL A 215 -27.89 3.55 -2.04
C VAL A 215 -28.40 3.63 -3.47
N ARG A 216 -28.37 4.84 -4.04
CA ARG A 216 -28.79 5.08 -5.42
C ARG A 216 -27.57 5.27 -6.31
N THR A 217 -27.67 4.81 -7.56
CA THR A 217 -26.60 5.01 -8.52
C THR A 217 -26.99 6.13 -9.45
N GLU A 218 -26.08 6.49 -10.35
CA GLU A 218 -26.40 7.49 -11.37
C GLU A 218 -27.39 6.94 -12.39
N LYS A 219 -27.51 5.62 -12.52
CA LYS A 219 -28.51 4.98 -13.36
C LYS A 219 -29.88 4.91 -12.70
N GLY A 220 -30.03 5.42 -11.49
CA GLY A 220 -31.24 5.26 -10.73
C GLY A 220 -31.38 3.93 -10.01
N THR A 221 -30.46 3.00 -10.23
CA THR A 221 -30.52 1.72 -9.56
C THR A 221 -30.41 1.93 -8.05
N GLU A 222 -31.07 1.05 -7.29
CA GLU A 222 -31.09 1.14 -5.85
C GLU A 222 -30.75 -0.21 -5.24
N VAL A 223 -30.02 -0.18 -4.13
CA VAL A 223 -29.86 -1.37 -3.32
C VAL A 223 -29.97 -0.95 -1.86
N VAL A 224 -30.42 -1.88 -1.01
CA VAL A 224 -30.65 -1.64 0.40
C VAL A 224 -29.66 -2.50 1.18
N VAL A 225 -28.81 -1.84 1.99
CA VAL A 225 -27.75 -2.52 2.72
C VAL A 225 -27.71 -1.99 4.15
N ASP A 226 -26.96 -2.70 4.98
CA ASP A 226 -26.80 -2.37 6.40
C ASP A 226 -25.43 -1.76 6.74
N MET A 227 -24.52 -1.67 5.76
CA MET A 227 -23.19 -1.10 5.98
C MET A 227 -22.57 -0.82 4.63
N VAL A 228 -21.81 0.28 4.54
CA VAL A 228 -21.16 0.71 3.30
C VAL A 228 -19.66 0.87 3.56
N VAL A 229 -18.84 0.26 2.73
CA VAL A 229 -17.41 0.34 2.85
C VAL A 229 -16.87 1.01 1.60
N LEU A 230 -16.09 2.07 1.78
CA LEU A 230 -15.54 2.81 0.68
C LEU A 230 -14.16 2.32 0.29
N CYS A 231 -14.06 1.85 -0.94
CA CYS A 231 -12.81 1.31 -1.43
C CYS A 231 -12.54 1.89 -2.79
N THR A 232 -12.81 3.15 -2.94
CA THR A 232 -12.58 3.83 -4.15
C THR A 232 -11.35 4.67 -4.01
N GLY A 233 -10.42 4.54 -4.90
CA GLY A 233 -9.55 5.66 -5.15
C GLY A 233 -8.30 5.83 -4.34
N ILE A 234 -7.47 4.79 -4.34
CA ILE A 234 -6.09 4.87 -3.89
C ILE A 234 -5.20 5.57 -4.92
N LYS A 235 -4.58 6.68 -4.51
CA LYS A 235 -3.70 7.47 -5.37
C LYS A 235 -2.36 7.72 -4.68
N ILE A 236 -1.30 7.77 -5.48
CA ILE A 236 0.06 8.02 -4.98
C ILE A 236 0.13 9.22 -4.04
N ASN A 237 0.77 9.03 -2.89
CA ASN A 237 0.79 10.06 -1.85
C ASN A 237 1.94 11.03 -2.12
N SER A 238 1.62 12.16 -2.75
CA SER A 238 2.59 13.19 -3.04
C SER A 238 2.60 14.29 -2.00
N SER A 239 1.92 14.11 -0.85
CA SER A 239 1.78 15.19 0.11
C SER A 239 3.12 15.73 0.59
N ALA A 240 4.09 14.84 0.83
CA ALA A 240 5.38 15.29 1.35
C ALA A 240 6.07 16.23 0.39
N TYR A 241 6.00 15.92 -0.90
CA TYR A 241 6.91 16.54 -1.85
C TYR A 241 6.24 17.38 -2.91
N ALA A 242 4.92 17.55 -2.86
CA ALA A 242 4.21 18.22 -3.96
C ALA A 242 4.68 19.66 -4.15
N THR A 243 4.86 20.42 -3.05
CA THR A 243 5.22 21.82 -3.19
C THR A 243 6.62 22.00 -3.73
N ALA A 244 7.50 21.01 -3.57
CA ALA A 244 8.86 21.12 -4.06
C ALA A 244 8.97 20.69 -5.51
N PHE A 245 8.28 19.63 -5.93
CA PHE A 245 8.47 19.08 -7.27
C PHE A 245 7.17 18.97 -8.06
N GLY A 246 6.09 19.61 -7.62
CA GLY A 246 4.80 19.44 -8.29
C GLY A 246 4.87 19.67 -9.79
N ASP A 247 5.53 20.77 -10.21
CA ASP A 247 5.66 21.07 -11.63
C ASP A 247 6.35 19.96 -12.42
N LYS A 248 7.07 19.05 -11.75
CA LYS A 248 7.83 18.02 -12.44
C LYS A 248 7.30 16.62 -12.18
N LEU A 249 6.14 16.49 -11.57
CA LEU A 249 5.62 15.16 -11.32
C LEU A 249 5.04 14.60 -12.61
N ALA A 250 4.96 13.26 -12.66
CA ALA A 250 4.14 12.62 -13.66
C ALA A 250 2.66 12.91 -13.37
N SER A 251 1.79 12.50 -14.29
CA SER A 251 0.37 12.81 -14.16
C SER A 251 -0.21 12.21 -12.88
N ASN A 252 0.27 11.03 -12.49
CA ASN A 252 -0.31 10.32 -11.35
C ASN A 252 0.31 10.74 -10.03
N GLY A 253 1.21 11.73 -10.03
CA GLY A 253 1.86 12.20 -8.83
C GLY A 253 3.22 11.59 -8.54
N ALA A 254 3.65 10.59 -9.32
CA ALA A 254 4.90 9.90 -9.08
C ALA A 254 6.10 10.74 -9.51
N LEU A 255 7.28 10.41 -8.97
CA LEU A 255 8.49 11.20 -9.19
C LEU A 255 9.34 10.62 -10.31
N ASN A 256 9.83 11.49 -11.20
CA ASN A 256 10.66 11.01 -12.29
C ASN A 256 12.09 10.83 -11.81
N VAL A 257 12.63 9.64 -12.03
CA VAL A 257 13.95 9.25 -11.56
C VAL A 257 14.77 8.75 -12.74
N ASN A 258 16.10 8.67 -12.55
CA ASN A 258 17.01 8.14 -13.54
C ASN A 258 17.24 6.65 -13.28
N LYS A 259 18.17 6.03 -14.00
CA LYS A 259 18.36 4.59 -13.84
C LYS A 259 18.95 4.21 -12.49
N HIS A 260 19.42 5.18 -11.69
CA HIS A 260 19.91 4.92 -10.34
C HIS A 260 18.87 5.26 -9.27
N LEU A 261 17.64 5.57 -9.67
CA LEU A 261 16.51 5.95 -8.82
C LEU A 261 16.72 7.29 -8.12
N GLN A 262 17.65 8.10 -8.63
CA GLN A 262 17.80 9.48 -8.21
C GLN A 262 16.78 10.35 -8.92
N LEU A 263 16.20 11.30 -8.17
CA LEU A 263 15.40 12.35 -8.79
C LEU A 263 16.21 13.06 -9.86
N GLU A 264 15.54 13.41 -10.96
CA GLU A 264 16.23 13.92 -12.14
C GLU A 264 17.06 15.15 -11.84
N GLY A 265 16.57 16.04 -10.98
CA GLY A 265 17.36 17.24 -10.79
C GLY A 265 18.46 17.16 -9.75
N TYR A 266 18.59 16.02 -9.06
CA TYR A 266 19.43 15.95 -7.87
C TYR A 266 20.26 14.68 -7.89
N ASP A 267 21.38 14.71 -7.18
CA ASP A 267 22.15 13.48 -7.00
C ASP A 267 21.95 12.87 -5.61
N ASN A 268 21.32 13.60 -4.69
CA ASN A 268 21.18 13.16 -3.30
C ASN A 268 19.73 13.00 -2.87
N ILE A 269 18.78 12.99 -3.80
CA ILE A 269 17.40 12.60 -3.49
C ILE A 269 17.04 11.39 -4.34
N TYR A 270 16.39 10.42 -3.70
CA TYR A 270 15.98 9.18 -4.35
C TYR A 270 14.51 8.93 -4.10
N ALA A 271 13.88 8.18 -5.00
CA ALA A 271 12.50 7.77 -4.78
C ALA A 271 12.39 6.27 -4.96
N ILE A 272 11.59 5.62 -4.09
CA ILE A 272 11.42 4.17 -4.11
C ILE A 272 9.94 3.82 -3.86
N GLY A 273 9.57 2.62 -4.27
CA GLY A 273 8.18 2.18 -4.02
C GLY A 273 7.19 2.86 -4.96
N ASP A 274 5.92 2.90 -4.52
CA ASP A 274 4.85 3.43 -5.38
C ASP A 274 5.16 4.84 -5.87
N CYS A 275 5.79 5.66 -5.03
CA CYS A 275 5.95 7.06 -5.41
C CYS A 275 7.01 7.27 -6.50
N ALA A 276 7.78 6.25 -6.87
CA ALA A 276 8.72 6.40 -7.97
C ALA A 276 8.00 6.14 -9.30
N ASN A 277 8.26 6.97 -10.30
CA ASN A 277 7.55 6.85 -11.58
C ASN A 277 8.25 5.82 -12.47
N LEU A 278 8.07 4.55 -12.12
CA LEU A 278 8.67 3.46 -12.89
C LEU A 278 7.60 2.75 -13.71
N LYS A 279 8.03 2.17 -14.82
CA LYS A 279 7.12 1.42 -15.69
C LYS A 279 7.04 -0.03 -15.23
N GLU A 280 6.53 -0.21 -14.03
CA GLU A 280 6.37 -1.51 -13.42
C GLU A 280 5.20 -1.44 -12.45
N PRO A 281 4.58 -2.57 -12.13
CA PRO A 281 3.41 -2.51 -11.25
C PRO A 281 3.83 -2.13 -9.84
N LYS A 282 2.95 -1.41 -9.17
CA LYS A 282 3.30 -0.89 -7.85
C LYS A 282 3.02 -1.97 -6.82
N MET A 283 4.09 -2.55 -6.28
CA MET A 283 3.98 -3.61 -5.30
C MET A 283 4.98 -3.41 -4.18
N ALA A 284 4.60 -3.94 -3.01
CA ALA A 284 5.53 -4.04 -1.90
C ALA A 284 6.82 -4.72 -2.32
N TYR A 285 6.71 -5.76 -3.12
CA TYR A 285 7.88 -6.52 -3.54
C TYR A 285 8.89 -5.61 -4.25
N HIS A 286 8.42 -4.74 -5.14
CA HIS A 286 9.35 -3.89 -5.89
C HIS A 286 9.89 -2.77 -4.99
N ALA A 287 9.05 -2.24 -4.10
CA ALA A 287 9.50 -1.21 -3.15
C ALA A 287 10.75 -1.66 -2.41
N GLU A 288 10.80 -2.94 -2.04
CA GLU A 288 11.97 -3.48 -1.34
C GLU A 288 13.17 -3.59 -2.27
N LEU A 289 12.95 -4.04 -3.51
CA LEU A 289 14.07 -4.06 -4.46
C LEU A 289 14.62 -2.66 -4.69
N HIS A 290 13.74 -1.65 -4.76
CA HIS A 290 14.21 -0.28 -4.94
C HIS A 290 15.08 0.15 -3.78
N ALA A 291 14.68 -0.22 -2.57
CA ALA A 291 15.42 0.15 -1.38
C ALA A 291 16.84 -0.40 -1.41
N ASN A 292 17.00 -1.65 -1.90
CA ASN A 292 18.34 -2.23 -2.00
C ASN A 292 19.23 -1.38 -2.89
N ILE A 293 18.69 -0.97 -4.04
CA ILE A 293 19.48 -0.20 -5.01
C ILE A 293 19.86 1.15 -4.43
N VAL A 294 18.90 1.80 -3.75
CA VAL A 294 19.15 3.15 -3.27
C VAL A 294 20.17 3.14 -2.15
N VAL A 295 20.07 2.19 -1.22
CA VAL A 295 21.05 2.09 -0.15
C VAL A 295 22.44 1.79 -0.73
N SER A 296 22.50 0.87 -1.70
CA SER A 296 23.77 0.63 -2.40
C SER A 296 24.33 1.92 -2.98
N ASN A 297 23.47 2.74 -3.59
CA ASN A 297 23.94 3.94 -4.25
C ASN A 297 24.31 5.04 -3.27
N ILE A 298 23.69 5.06 -2.10
CA ILE A 298 24.16 5.98 -1.06
C ILE A 298 25.55 5.58 -0.58
N ILE A 299 25.76 4.27 -0.36
CA ILE A 299 27.09 3.78 -0.02
C ILE A 299 28.09 4.16 -1.11
N ASN A 300 27.73 3.92 -2.37
CA ASN A 300 28.66 4.24 -3.45
C ASN A 300 28.91 5.74 -3.55
N SER A 301 27.91 6.54 -3.18
CA SER A 301 28.08 7.99 -3.16
C SER A 301 29.07 8.43 -2.08
N LEU A 302 29.02 7.80 -0.91
CA LEU A 302 29.99 8.08 0.14
C LEU A 302 31.40 7.73 -0.30
N THR A 303 31.54 6.61 -1.01
CA THR A 303 32.83 6.11 -1.40
C THR A 303 33.32 6.63 -2.75
N HIS A 304 32.52 7.48 -3.42
CA HIS A 304 32.88 8.03 -4.73
C HIS A 304 33.09 6.93 -5.77
N LYS A 305 32.29 5.86 -5.71
CA LYS A 305 32.32 4.79 -6.68
C LYS A 305 31.07 4.80 -7.57
N PRO A 306 31.08 4.04 -8.68
CA PRO A 306 29.95 4.11 -9.62
C PRO A 306 28.67 3.54 -9.05
N LEU A 307 27.56 4.15 -9.46
CA LEU A 307 26.25 3.80 -8.94
C LEU A 307 25.71 2.54 -9.60
N LYS A 308 24.88 1.80 -8.86
CA LYS A 308 24.19 0.65 -9.42
C LYS A 308 22.95 1.10 -10.19
N THR A 309 22.56 0.29 -11.16
CA THR A 309 21.40 0.54 -11.99
C THR A 309 20.25 -0.35 -11.56
N TYR A 310 19.04 0.20 -11.44
CA TYR A 310 17.88 -0.61 -11.13
C TYR A 310 17.44 -1.35 -12.38
N GLN A 311 17.51 -2.67 -12.35
CA GLN A 311 17.12 -3.51 -13.47
C GLN A 311 15.73 -4.04 -13.21
N PRO A 312 14.68 -3.48 -13.82
CA PRO A 312 13.37 -4.11 -13.73
C PRO A 312 13.41 -5.46 -14.44
N GLY A 313 12.63 -6.40 -13.91
CA GLY A 313 12.82 -7.78 -14.28
C GLY A 313 13.87 -8.48 -13.45
N SER A 314 14.00 -8.10 -12.18
CA SER A 314 14.93 -8.79 -11.30
C SER A 314 14.61 -10.28 -11.27
N LEU A 315 15.64 -11.12 -11.26
CA LEU A 315 15.42 -12.56 -11.31
C LEU A 315 15.29 -13.16 -9.91
N THR A 316 15.34 -12.32 -8.89
CA THR A 316 15.27 -12.82 -7.52
C THR A 316 13.83 -13.05 -7.10
N PHE A 317 13.21 -14.10 -7.63
CA PHE A 317 11.85 -14.45 -7.27
C PHE A 317 11.85 -15.97 -7.23
N LEU A 318 11.45 -16.55 -6.10
CA LEU A 318 11.53 -17.98 -5.97
C LEU A 318 10.24 -18.55 -5.41
N LEU A 319 10.22 -19.84 -5.12
CA LEU A 319 9.03 -20.52 -4.59
C LEU A 319 8.73 -20.08 -3.18
N SER A 320 9.67 -19.38 -2.58
CA SER A 320 9.44 -18.85 -1.28
C SER A 320 8.31 -17.88 -1.38
N MET A 321 8.29 -17.07 -2.42
CA MET A 321 7.14 -16.20 -2.63
C MET A 321 6.03 -17.08 -3.12
N GLY A 322 4.82 -16.81 -2.70
CA GLY A 322 3.73 -17.66 -3.08
C GLY A 322 3.61 -18.76 -2.06
N LYS A 323 2.90 -19.82 -2.40
CA LYS A 323 2.72 -20.93 -1.49
C LYS A 323 3.74 -22.01 -1.73
N ASN A 324 3.50 -23.18 -1.17
CA ASN A 324 4.39 -24.31 -1.37
C ASN A 324 3.78 -25.25 -2.35
N ASP A 325 2.66 -24.87 -2.95
CA ASP A 325 1.98 -25.81 -3.82
C ASP A 325 2.82 -26.20 -4.98
N GLY A 326 3.49 -25.23 -5.54
CA GLY A 326 4.27 -25.50 -6.72
C GLY A 326 3.36 -25.52 -7.91
N VAL A 327 2.08 -25.18 -7.70
CA VAL A 327 1.09 -25.24 -8.75
C VAL A 327 0.87 -23.88 -9.37
N GLY A 328 0.44 -23.89 -10.62
CA GLY A 328 0.23 -22.63 -11.32
C GLY A 328 -0.85 -22.72 -12.38
N GLN A 329 -1.04 -21.60 -13.07
CA GLN A 329 -1.99 -21.50 -14.18
C GLN A 329 -1.24 -20.85 -15.33
N VAL A 330 -1.15 -21.53 -16.46
CA VAL A 330 -0.51 -20.94 -17.63
C VAL A 330 -1.43 -19.89 -18.23
N LYS A 331 -0.92 -18.67 -18.39
CA LYS A 331 -1.72 -17.58 -18.91
C LYS A 331 -1.23 -17.00 -20.24
N GLY A 332 -0.09 -17.44 -20.74
CA GLY A 332 0.41 -16.90 -22.00
C GLY A 332 1.89 -17.22 -22.18
N TYR A 333 2.42 -16.79 -23.32
CA TYR A 333 3.82 -17.02 -23.64
C TYR A 333 4.37 -15.83 -24.41
N TYR A 334 5.70 -15.75 -24.45
CA TYR A 334 6.41 -14.82 -25.30
C TYR A 334 7.86 -15.28 -25.33
N VAL A 335 8.70 -14.58 -26.12
CA VAL A 335 10.04 -15.09 -26.40
C VAL A 335 10.75 -15.42 -25.10
N GLY A 336 11.15 -16.69 -24.97
CA GLY A 336 11.88 -17.20 -23.83
C GLY A 336 11.08 -17.40 -22.55
N HIS A 337 9.79 -17.04 -22.52
CA HIS A 337 9.09 -16.97 -21.24
C HIS A 337 7.64 -17.43 -21.33
N LEU A 338 7.13 -17.90 -20.19
CA LEU A 338 5.72 -18.19 -20.02
C LEU A 338 5.14 -17.27 -18.95
N LEU A 339 3.92 -16.82 -19.16
CA LEU A 339 3.17 -16.10 -18.14
C LEU A 339 2.34 -17.08 -17.33
N VAL A 340 2.47 -16.99 -16.00
CA VAL A 340 1.84 -17.91 -15.06
C VAL A 340 1.24 -17.12 -13.92
N THR A 341 0.18 -17.66 -13.32
CA THR A 341 -0.31 -17.18 -12.04
C THR A 341 -0.06 -18.25 -10.99
N ILE A 342 0.33 -17.80 -9.80
CA ILE A 342 0.46 -18.68 -8.65
C ILE A 342 -0.39 -18.10 -7.51
N ALA A 343 -0.78 -18.96 -6.60
CA ALA A 343 -1.58 -18.51 -5.45
C ALA A 343 -0.71 -17.75 -4.47
N LYS A 344 -1.20 -16.61 -3.99
CA LYS A 344 -0.58 -15.94 -2.86
C LYS A 344 -0.58 -16.87 -1.64
N SER A 345 0.45 -16.74 -0.82
CA SER A 345 0.39 -17.32 0.52
C SER A 345 -0.69 -16.62 1.32
N ARG A 346 -1.54 -17.39 2.00
CA ARG A 346 -2.74 -16.78 2.58
C ARG A 346 -2.51 -16.15 3.94
N ASP A 347 -1.27 -16.05 4.41
CA ASP A 347 -0.97 -15.12 5.48
C ASP A 347 -0.69 -13.72 4.95
N LEU A 348 -0.79 -13.53 3.63
CA LEU A 348 -0.49 -12.26 2.97
C LEU A 348 0.87 -11.71 3.40
N PHE A 349 1.84 -12.63 3.53
CA PHE A 349 3.24 -12.44 3.95
C PHE A 349 3.44 -11.47 5.11
N VAL A 350 2.48 -11.47 6.04
CA VAL A 350 2.57 -10.68 7.27
C VAL A 350 3.85 -11.02 8.04
N SER A 351 4.19 -12.30 8.10
CA SER A 351 5.34 -12.70 8.91
C SER A 351 6.65 -12.10 8.40
N LYS A 352 6.73 -11.81 7.10
CA LYS A 352 7.98 -11.24 6.58
C LYS A 352 8.22 -9.83 7.11
N SER A 353 7.15 -9.07 7.38
CA SER A 353 7.34 -7.73 7.93
C SER A 353 7.84 -7.79 9.36
N TRP A 354 7.33 -8.73 10.14
CA TRP A 354 7.82 -8.88 11.51
C TRP A 354 9.27 -9.33 11.50
N LYS A 355 9.62 -10.22 10.57
CA LYS A 355 11.02 -10.60 10.40
C LYS A 355 11.87 -9.38 10.05
N THR A 356 11.46 -8.62 9.04
CA THR A 356 12.22 -7.42 8.68
C THR A 356 12.40 -6.50 9.88
N MET A 357 11.34 -6.33 10.68
CA MET A 357 11.41 -5.44 11.83
C MET A 357 12.08 -6.07 13.04
N GLY A 358 12.52 -7.32 12.94
CA GLY A 358 13.19 -7.98 14.06
C GLY A 358 12.35 -8.10 15.32
N GLN A 359 11.03 -8.24 15.17
CA GLN A 359 10.14 -8.35 16.32
C GLN A 359 9.35 -9.65 16.24
N PRO A 360 9.21 -10.35 17.36
CA PRO A 360 8.34 -11.55 17.37
C PRO A 360 6.90 -11.15 17.08
N MET A 361 6.23 -11.98 16.28
CA MET A 361 4.80 -11.77 16.05
C MET A 361 4.06 -11.84 17.38
N PRO A 362 2.94 -11.14 17.51
CA PRO A 362 2.19 -11.13 18.78
C PRO A 362 1.76 -12.54 19.19
N SER A 363 1.67 -12.76 20.50
CA SER A 363 1.34 -14.08 21.05
C SER A 363 0.09 -14.70 20.42
PA FAD B . 3.58 2.30 1.56
O1A FAD B . 3.75 0.90 2.00
O2A FAD B . 2.22 2.77 1.08
O5B FAD B . 4.11 3.20 2.75
C5B FAD B . 4.18 4.64 2.61
C4B FAD B . 4.28 5.30 3.97
O4B FAD B . 4.58 6.69 3.76
C3B FAD B . 3.03 5.23 4.86
O3B FAD B . 3.31 4.54 6.08
C2B FAD B . 2.68 6.71 5.11
O2B FAD B . 2.27 6.97 6.45
C1B FAD B . 4.01 7.41 4.83
N9A FAD B . 3.87 8.78 4.40
C8A FAD B . 3.38 9.21 3.19
N7A FAD B . 3.37 10.51 3.05
C5A FAD B . 3.89 10.98 4.24
C6A FAD B . 4.15 12.28 4.73
N6A FAD B . 3.88 13.39 4.03
N1A FAD B . 4.69 12.39 5.96
C2A FAD B . 4.94 11.29 6.65
N3A FAD B . 4.73 10.01 6.32
C4A FAD B . 4.21 9.93 5.09
N1 FAD B . 1.98 -5.51 -3.20
C2 FAD B . 2.66 -6.69 -3.26
O2 FAD B . 3.87 -6.75 -3.48
N3 FAD B . 1.98 -7.88 -3.05
C4 FAD B . 0.65 -8.02 -2.76
O4 FAD B . 0.16 -9.13 -2.60
C4X FAD B . -0.07 -6.76 -2.71
N5 FAD B . -1.34 -6.81 -2.45
C5X FAD B . -2.03 -5.62 -2.38
C6 FAD B . -3.40 -5.67 -2.09
C7 FAD B . -4.16 -4.49 -2.02
C7M FAD B . -5.63 -4.59 -1.72
C8 FAD B . -3.52 -3.25 -2.23
C8M FAD B . -4.31 -1.96 -2.15
C9 FAD B . -2.16 -3.21 -2.51
C9A FAD B . -1.42 -4.37 -2.58
N10 FAD B . -0.04 -4.37 -2.87
C10 FAD B . 0.68 -5.55 -2.92
C1' FAD B . 0.69 -3.10 -3.10
C2' FAD B . 1.35 -2.57 -1.84
O2' FAD B . 0.38 -2.26 -0.85
C3' FAD B . 2.11 -1.27 -2.17
O3' FAD B . 2.74 -1.37 -3.44
C4' FAD B . 3.17 -0.96 -1.11
O4' FAD B . 2.55 -0.64 0.14
C5' FAD B . 4.08 0.16 -1.56
O5' FAD B . 5.05 0.38 -0.52
P FAD B . 5.73 1.79 -0.33
O1P FAD B . 5.89 2.45 -1.70
O2P FAD B . 6.95 1.64 0.53
O3P FAD B . 4.61 2.65 0.42
#